data_5XTZ
#
_entry.id   5XTZ
#
_cell.length_a   75.864
_cell.length_b   80.663
_cell.length_c   107.028
_cell.angle_alpha   90.00
_cell.angle_beta   90.00
_cell.angle_gamma   90.00
#
_symmetry.space_group_name_H-M   'P 21 21 21'
#
loop_
_entity.id
_entity.type
_entity.pdbx_description
1 polymer 'YEATS domain-containing protein 4'
2 polymer THR-LYS-ALA-ALA-ARG-ALY-SER-ALA-PRO-ALA
3 non-polymer 'ACETATE ION'
4 water water
#
loop_
_entity_poly.entity_id
_entity_poly.type
_entity_poly.pdbx_seq_one_letter_code
_entity_poly.pdbx_strand_id
1 'polypeptide(L)'
;GSHMASMTGGQQMGRGSGRVKGVTIVKPIVYGNVARYFGKKREEDGHTHQWTVYVKPYRNEDMSAYVKKIQFKLHESYGN
PLRVVTKPPYEITETGWGEFEIIIKIFFIDPNERPVTLYHLLKLFQSDTNAMLGKKTVVSEFYDEMIFQDPTAMMQQLLT
TSR
;
A,B,C,D
2 'polypeptide(L)' TKAAR(ALY)SAPA E
#
loop_
_chem_comp.id
_chem_comp.type
_chem_comp.name
_chem_comp.formula
ACT non-polymer 'ACETATE ION' 'C2 H3 O2 -1'
#
# COMPACT_ATOMS: atom_id res chain seq x y z
N VAL A 23 3.99 33.58 26.77
CA VAL A 23 5.33 33.32 27.26
C VAL A 23 5.92 32.09 26.55
N THR A 24 5.09 31.09 26.25
CA THR A 24 5.54 29.98 25.41
C THR A 24 4.51 29.66 24.33
N ILE A 25 4.92 29.77 23.06
CA ILE A 25 4.00 29.49 21.96
C ILE A 25 4.45 28.29 21.13
N VAL A 26 3.50 27.42 20.81
CA VAL A 26 3.80 26.19 20.07
C VAL A 26 3.21 26.23 18.65
N LYS A 27 4.05 26.00 17.66
CA LYS A 27 3.58 25.94 16.28
C LYS A 27 3.87 24.56 15.68
N PRO A 28 2.84 23.70 15.60
CA PRO A 28 2.98 22.36 15.00
C PRO A 28 3.13 22.39 13.47
N ILE A 29 4.02 21.55 12.97
CA ILE A 29 4.22 21.41 11.55
C ILE A 29 4.32 19.95 11.14
N VAL A 30 4.22 19.72 9.85
CA VAL A 30 4.61 18.44 9.27
C VAL A 30 5.63 18.73 8.19
N TYR A 31 6.56 17.79 7.99
CA TYR A 31 7.54 17.96 6.94
C TYR A 31 7.93 16.59 6.38
N GLY A 32 8.44 16.59 5.16
CA GLY A 32 8.88 15.35 4.55
C GLY A 32 8.75 15.47 3.06
N ASN A 33 8.35 14.38 2.40
CA ASN A 33 8.24 14.43 0.96
C ASN A 33 7.22 13.45 0.43
N VAL A 34 6.77 13.73 -0.78
CA VAL A 34 6.03 12.79 -1.60
C VAL A 34 6.91 12.52 -2.80
N ALA A 35 6.68 11.40 -3.46
CA ALA A 35 7.45 10.99 -4.63
C ALA A 35 6.60 10.11 -5.53
N ARG A 36 6.85 10.19 -6.82
CA ARG A 36 6.13 9.35 -7.77
C ARG A 36 7.11 8.83 -8.83
N TYR A 37 7.00 7.54 -9.13
CA TYR A 37 7.84 6.86 -10.10
C TYR A 37 7.48 7.18 -11.55
N PHE A 38 8.48 7.44 -12.39
CA PHE A 38 8.23 7.70 -13.82
C PHE A 38 7.60 6.51 -14.53
N GLY A 39 7.97 5.31 -14.08
CA GLY A 39 7.56 4.12 -14.77
C GLY A 39 8.74 3.63 -15.58
N LYS A 40 9.76 4.49 -15.67
CA LYS A 40 10.91 4.21 -16.49
C LYS A 40 12.07 5.17 -16.22
N LYS A 41 13.29 4.71 -16.46
CA LYS A 41 14.46 5.56 -16.35
C LYS A 41 14.44 6.55 -17.52
N ARG A 42 14.57 7.83 -17.22
CA ARG A 42 14.59 8.82 -18.29
C ARG A 42 15.94 8.83 -19.00
N GLU A 43 15.89 8.93 -20.31
CA GLU A 43 17.07 8.76 -21.16
C GLU A 43 18.15 9.81 -20.96
N GLU A 44 17.75 11.07 -20.86
CA GLU A 44 18.70 12.17 -20.81
C GLU A 44 19.56 12.19 -19.54
N ASP A 45 18.92 12.08 -18.39
CA ASP A 45 19.61 12.24 -17.11
C ASP A 45 19.59 10.99 -16.23
N GLY A 46 18.82 10.00 -16.64
CA GLY A 46 18.66 8.80 -15.84
C GLY A 46 17.81 9.02 -14.60
N HIS A 47 17.04 10.11 -14.59
CA HIS A 47 16.15 10.34 -13.46
C HIS A 47 14.96 9.40 -13.54
N THR A 48 14.51 8.91 -12.40
CA THR A 48 13.45 7.90 -12.33
C THR A 48 12.20 8.35 -11.58
N HIS A 49 12.35 9.37 -10.73
CA HIS A 49 11.25 9.80 -9.86
C HIS A 49 11.06 11.31 -9.90
N GLN A 50 9.83 11.77 -9.70
CA GLN A 50 9.61 13.16 -9.33
C GLN A 50 9.25 13.20 -7.85
N TRP A 51 9.81 14.18 -7.14
CA TRP A 51 9.53 14.33 -5.72
C TRP A 51 9.35 15.78 -5.31
N THR A 52 8.65 15.98 -4.20
CA THR A 52 8.48 17.28 -3.57
C THR A 52 8.77 17.15 -2.08
N VAL A 53 9.74 17.93 -1.59
CA VAL A 53 10.03 17.98 -0.17
C VAL A 53 9.37 19.25 0.37
N TYR A 54 8.88 19.22 1.60
CA TYR A 54 8.07 20.35 2.08
C TYR A 54 8.08 20.53 3.58
N VAL A 55 7.64 21.71 4.01
CA VAL A 55 7.25 21.98 5.39
C VAL A 55 5.89 22.64 5.38
N LYS A 56 4.98 22.18 6.22
CA LYS A 56 3.63 22.72 6.25
C LYS A 56 3.16 22.92 7.68
N PRO A 57 2.24 23.88 7.90
CA PRO A 57 1.57 23.94 9.19
C PRO A 57 0.72 22.66 9.41
N TYR A 58 0.59 22.22 10.65
CA TYR A 58 -0.17 20.99 10.92
C TYR A 58 -1.64 21.17 10.50
N ARG A 59 -2.23 22.30 10.87
CA ARG A 59 -3.58 22.66 10.39
C ARG A 59 -3.57 23.81 9.36
N ASN A 60 -4.69 24.03 8.68
CA ASN A 60 -4.69 24.99 7.58
C ASN A 60 -4.54 26.43 8.09
N GLU A 61 -3.31 26.92 8.10
CA GLU A 61 -3.05 28.28 8.54
C GLU A 61 -1.79 28.82 7.87
N ASP A 62 -1.51 30.08 8.12
CA ASP A 62 -0.39 30.78 7.51
C ASP A 62 0.89 30.88 8.36
N MET A 63 1.94 30.18 7.94
CA MET A 63 3.22 30.27 8.64
C MET A 63 4.01 31.52 8.25
N SER A 64 3.69 32.10 7.09
CA SER A 64 4.52 33.18 6.54
C SER A 64 4.50 34.46 7.37
N ALA A 65 3.58 34.60 8.30
CA ALA A 65 3.57 35.77 9.17
C ALA A 65 4.83 35.84 10.03
N TYR A 66 5.39 34.68 10.37
CA TYR A 66 6.55 34.69 11.27
C TYR A 66 7.74 33.94 10.69
N VAL A 67 7.54 33.26 9.57
CA VAL A 67 8.65 32.62 8.89
C VAL A 67 9.16 33.52 7.78
N LYS A 68 10.46 33.80 7.81
CA LYS A 68 11.11 34.63 6.81
C LYS A 68 11.42 33.84 5.54
N LYS A 69 11.99 32.66 5.74
CA LYS A 69 12.33 31.78 4.62
C LYS A 69 12.63 30.41 5.15
N ILE A 70 12.54 29.43 4.25
CA ILE A 70 12.96 28.07 4.55
C ILE A 70 13.92 27.61 3.46
N GLN A 71 15.09 27.16 3.87
CA GLN A 71 16.10 26.63 2.96
C GLN A 71 16.01 25.12 2.93
N PHE A 72 16.06 24.55 1.73
CA PHE A 72 16.16 23.10 1.58
C PHE A 72 17.50 22.79 0.92
N LYS A 73 18.41 22.21 1.70
CA LYS A 73 19.73 21.88 1.19
C LYS A 73 19.70 20.50 0.55
N LEU A 74 19.82 20.47 -0.77
CA LEU A 74 19.80 19.23 -1.53
C LEU A 74 21.19 18.60 -1.67
N HIS A 75 21.23 17.40 -2.23
CA HIS A 75 22.49 16.71 -2.48
C HIS A 75 23.38 17.45 -3.46
N GLU A 76 24.70 17.28 -3.30
CA GLU A 76 25.69 17.97 -4.12
C GLU A 76 25.52 17.77 -5.62
N SER A 77 24.88 16.67 -6.02
CA SER A 77 24.66 16.35 -7.43
C SER A 77 23.58 17.22 -8.06
N TYR A 78 22.88 18.00 -7.27
CA TYR A 78 21.93 18.92 -7.87
C TYR A 78 22.63 20.24 -8.15
N GLY A 79 22.27 20.87 -9.26
CA GLY A 79 22.74 22.20 -9.53
C GLY A 79 22.06 23.10 -8.52
N ASN A 80 22.76 24.13 -8.04
CA ASN A 80 22.27 25.09 -7.04
C ASN A 80 21.49 24.39 -5.92
N PRO A 81 22.18 23.50 -5.19
CA PRO A 81 21.60 22.60 -4.19
C PRO A 81 20.99 23.32 -2.98
N LEU A 82 21.38 24.57 -2.71
CA LEU A 82 20.75 25.28 -1.62
C LEU A 82 19.51 26.01 -2.15
N ARG A 83 18.35 25.38 -1.98
CA ARG A 83 17.13 25.96 -2.48
C ARG A 83 16.43 26.77 -1.37
N VAL A 84 16.10 28.01 -1.70
CA VAL A 84 15.57 28.91 -0.68
C VAL A 84 14.16 29.30 -1.09
N VAL A 85 13.23 29.12 -0.16
CA VAL A 85 11.85 29.50 -0.42
C VAL A 85 11.46 30.60 0.54
N THR A 86 11.02 31.74 -0.01
CA THR A 86 10.80 32.93 0.80
C THR A 86 9.31 33.23 1.00
N LYS A 87 8.46 32.54 0.27
CA LYS A 87 7.03 32.66 0.50
C LYS A 87 6.34 31.31 0.36
N PRO A 88 5.20 31.13 1.04
CA PRO A 88 4.48 29.86 0.95
C PRO A 88 4.04 29.62 -0.49
N PRO A 89 3.85 28.34 -0.88
CA PRO A 89 4.04 27.15 -0.05
C PRO A 89 5.53 26.78 0.04
N TYR A 90 5.92 26.24 1.18
CA TYR A 90 7.31 25.91 1.40
C TYR A 90 7.61 24.52 0.87
N GLU A 91 7.79 24.46 -0.45
CA GLU A 91 7.93 23.22 -1.19
C GLU A 91 8.99 23.35 -2.25
N ILE A 92 9.72 22.26 -2.48
CA ILE A 92 10.71 22.17 -3.54
C ILE A 92 10.43 20.88 -4.32
N THR A 93 10.23 21.03 -5.62
CA THR A 93 9.93 19.89 -6.50
C THR A 93 11.12 19.67 -7.41
N GLU A 94 11.55 18.40 -7.51
CA GLU A 94 12.67 18.02 -8.35
C GLU A 94 12.42 16.65 -8.97
N THR A 95 13.35 16.22 -9.82
CA THR A 95 13.42 14.85 -10.28
C THR A 95 14.77 14.29 -9.91
N GLY A 96 14.90 12.97 -9.87
CA GLY A 96 16.17 12.34 -9.52
C GLY A 96 16.11 10.84 -9.60
N TRP A 97 17.13 10.18 -9.07
CA TRP A 97 17.21 8.72 -9.07
C TRP A 97 17.60 8.19 -7.71
N GLY A 98 18.07 9.06 -6.82
CA GLY A 98 18.59 8.57 -5.55
C GLY A 98 18.01 9.19 -4.30
N GLU A 99 18.07 8.43 -3.21
CA GLU A 99 17.67 8.89 -1.90
C GLU A 99 18.86 9.50 -1.17
N PHE A 100 18.60 10.59 -0.46
CA PHE A 100 19.64 11.29 0.27
C PHE A 100 19.00 12.13 1.37
N GLU A 101 19.82 12.56 2.32
CA GLU A 101 19.33 13.41 3.39
C GLU A 101 19.23 14.87 2.93
N ILE A 102 18.08 15.48 3.19
CA ILE A 102 17.90 16.89 2.93
C ILE A 102 17.95 17.66 4.24
N ILE A 103 18.70 18.75 4.28
CA ILE A 103 18.72 19.59 5.48
C ILE A 103 17.77 20.76 5.31
N ILE A 104 16.85 20.89 6.25
CA ILE A 104 15.85 21.95 6.21
C ILE A 104 16.11 22.97 7.32
N LYS A 105 16.23 24.24 6.94
CA LYS A 105 16.49 25.29 7.91
C LYS A 105 15.41 26.37 7.79
N ILE A 106 14.70 26.59 8.88
CA ILE A 106 13.60 27.55 8.96
C ILE A 106 14.06 28.82 9.67
N PHE A 107 14.02 29.95 8.96
CA PHE A 107 14.43 31.26 9.50
C PHE A 107 13.24 32.11 9.86
N PHE A 108 13.34 32.86 10.94
CA PHE A 108 12.19 33.65 11.41
C PHE A 108 12.30 35.14 11.13
N ILE A 109 11.18 35.83 11.23
CA ILE A 109 11.12 37.27 10.96
C ILE A 109 12.01 38.03 11.95
N ASP A 110 11.92 37.67 13.23
CA ASP A 110 12.84 38.17 14.23
C ASP A 110 14.22 37.58 13.95
N PRO A 111 15.18 38.41 13.50
CA PRO A 111 16.48 37.87 13.14
C PRO A 111 17.24 37.27 14.32
N ASN A 112 16.86 37.65 15.54
CA ASN A 112 17.51 37.16 16.75
C ASN A 112 16.98 35.81 17.31
N GLU A 113 15.82 35.37 16.80
CA GLU A 113 15.26 34.05 17.11
C GLU A 113 16.00 33.00 16.31
N ARG A 114 16.63 32.04 16.99
CA ARG A 114 17.49 31.10 16.28
C ARG A 114 16.73 30.22 15.28
N PRO A 115 17.33 30.01 14.10
CA PRO A 115 16.76 29.17 13.04
C PRO A 115 16.52 27.75 13.53
N VAL A 116 15.50 27.09 13.01
CA VAL A 116 15.24 25.69 13.36
C VAL A 116 15.77 24.80 12.25
N THR A 117 16.52 23.77 12.60
CA THR A 117 17.05 22.86 11.61
C THR A 117 16.39 21.48 11.69
N LEU A 118 15.92 21.01 10.55
CA LEU A 118 15.32 19.68 10.46
C LEU A 118 16.09 18.80 9.50
N TYR A 119 16.05 17.50 9.74
CA TYR A 119 16.74 16.53 8.89
C TYR A 119 15.75 15.55 8.30
N HIS A 120 15.81 15.34 6.98
CA HIS A 120 14.84 14.46 6.35
C HIS A 120 15.47 13.55 5.33
N LEU A 121 15.25 12.25 5.50
CA LEU A 121 15.70 11.30 4.49
C LEU A 121 14.65 11.23 3.37
N LEU A 122 15.04 11.71 2.19
CA LEU A 122 14.15 11.71 1.04
C LEU A 122 13.80 10.27 0.64
N LYS A 123 12.51 9.93 0.62
CA LYS A 123 12.09 8.58 0.24
C LYS A 123 11.51 8.54 -1.18
N LEU A 124 12.12 7.73 -2.03
CA LEU A 124 11.69 7.58 -3.42
C LEU A 124 11.18 6.19 -3.76
N PHE A 125 11.81 5.17 -3.20
CA PHE A 125 11.55 3.84 -3.70
C PHE A 125 10.42 3.21 -2.92
N GLN A 126 9.35 2.88 -3.61
CA GLN A 126 8.19 2.25 -3.00
C GLN A 126 8.51 0.84 -2.49
N SER A 127 7.90 0.46 -1.37
CA SER A 127 8.06 -0.89 -0.87
C SER A 127 7.22 -1.81 -1.74
N ASP A 128 7.62 -3.07 -1.81
CA ASP A 128 6.91 -4.05 -2.61
C ASP A 128 5.50 -4.18 -2.10
N THR A 129 5.36 -4.07 -0.78
CA THR A 129 4.05 -4.13 -0.15
C THR A 129 3.14 -3.03 -0.68
N ASN A 130 3.59 -1.78 -0.70
CA ASN A 130 2.72 -0.71 -1.15
C ASN A 130 2.48 -0.79 -2.67
N ALA A 131 3.45 -1.32 -3.39
CA ALA A 131 3.29 -1.50 -4.83
C ALA A 131 2.19 -2.52 -5.10
N MET A 132 2.22 -3.63 -4.38
CA MET A 132 1.17 -4.65 -4.53
C MET A 132 -0.20 -4.11 -4.11
N LEU A 133 -0.22 -3.22 -3.13
CA LEU A 133 -1.49 -2.61 -2.71
C LEU A 133 -2.00 -1.59 -3.73
N GLY A 134 -1.23 -1.34 -4.78
CA GLY A 134 -1.64 -0.43 -5.83
C GLY A 134 -1.49 1.05 -5.51
N LYS A 135 -0.79 1.39 -4.42
CA LYS A 135 -0.54 2.80 -4.04
C LYS A 135 0.26 3.49 -5.14
N LYS A 136 -0.12 4.72 -5.48
CA LYS A 136 0.47 5.46 -6.60
C LYS A 136 1.66 6.36 -6.22
N THR A 137 1.69 6.83 -4.98
CA THR A 137 2.76 7.69 -4.52
C THR A 137 3.43 7.20 -3.24
N VAL A 138 4.70 7.56 -3.06
CA VAL A 138 5.41 7.35 -1.82
C VAL A 138 5.28 8.60 -0.95
N VAL A 139 4.98 8.42 0.33
CA VAL A 139 4.91 9.53 1.26
C VAL A 139 5.72 9.23 2.51
N SER A 140 6.59 10.15 2.87
CA SER A 140 7.30 10.02 4.14
C SER A 140 7.21 11.37 4.89
N GLU A 141 6.32 11.44 5.87
CA GLU A 141 5.99 12.70 6.51
C GLU A 141 6.12 12.56 8.02
N PHE A 142 6.64 13.61 8.66
CA PHE A 142 6.86 13.62 10.10
C PHE A 142 6.26 14.87 10.76
N TYR A 143 5.91 14.73 12.03
CA TYR A 143 5.39 15.82 12.85
C TYR A 143 6.50 16.48 13.65
N ASP A 144 6.43 17.79 13.79
CA ASP A 144 7.31 18.45 14.73
C ASP A 144 6.64 19.70 15.30
N GLU A 145 7.33 20.35 16.24
CA GLU A 145 6.81 21.55 16.87
C GLU A 145 7.89 22.61 16.94
N MET A 146 7.61 23.79 16.38
CA MET A 146 8.47 24.94 16.60
C MET A 146 8.06 25.58 17.92
N ILE A 147 8.98 25.65 18.87
CA ILE A 147 8.68 26.19 20.19
C ILE A 147 9.29 27.57 20.35
N PHE A 148 8.44 28.55 20.65
CA PHE A 148 8.94 29.91 20.87
C PHE A 148 8.80 30.28 22.34
N GLN A 149 9.91 30.24 23.08
CA GLN A 149 9.89 30.66 24.48
C GLN A 149 10.32 32.11 24.67
N ASP A 150 9.50 32.86 25.41
CA ASP A 150 9.74 34.28 25.65
C ASP A 150 10.07 35.02 24.37
N PRO A 151 9.15 34.98 23.40
CA PRO A 151 9.39 35.66 22.14
C PRO A 151 9.39 37.18 22.30
N THR A 152 10.16 37.88 21.48
CA THR A 152 10.10 39.34 21.42
C THR A 152 8.65 39.77 21.18
N ALA A 153 8.30 40.98 21.58
CA ALA A 153 6.93 41.47 21.42
C ALA A 153 6.46 41.41 19.96
N MET A 154 7.38 41.69 19.04
CA MET A 154 7.05 41.61 17.62
C MET A 154 6.65 40.17 17.26
N MET A 155 7.53 39.24 17.61
CA MET A 155 7.33 37.85 17.31
C MET A 155 6.02 37.34 17.92
N GLN A 156 5.76 37.71 19.17
CA GLN A 156 4.51 37.29 19.80
C GLN A 156 3.28 37.77 19.04
N GLN A 157 3.37 38.96 18.45
CA GLN A 157 2.28 39.48 17.62
C GLN A 157 2.16 38.68 16.33
N LEU A 158 3.30 38.41 15.69
CA LEU A 158 3.28 37.68 14.42
C LEU A 158 2.80 36.25 14.58
N LEU A 159 3.11 35.64 15.72
CA LEU A 159 2.75 34.24 15.99
C LEU A 159 1.28 34.06 16.35
N THR A 160 0.62 35.15 16.72
CA THR A 160 -0.75 35.09 17.25
C THR A 160 -1.79 35.90 16.48
N THR A 161 -1.59 36.11 15.17
CA THR A 161 -2.57 36.87 14.40
C THR A 161 -3.57 35.91 13.75
N GLY B 22 10.87 1.95 36.03
CA GLY B 22 9.46 1.94 36.37
C GLY B 22 8.54 2.49 35.30
N VAL B 23 9.03 2.55 34.05
CA VAL B 23 8.23 3.07 32.94
C VAL B 23 7.98 1.98 31.91
N THR B 24 6.93 2.15 31.12
CA THR B 24 6.60 1.22 30.03
C THR B 24 6.32 1.95 28.72
N ILE B 25 7.07 1.63 27.68
CA ILE B 25 6.86 2.29 26.40
C ILE B 25 6.25 1.30 25.42
N VAL B 26 5.17 1.74 24.77
CA VAL B 26 4.42 0.91 23.80
C VAL B 26 4.58 1.43 22.37
N LYS B 27 5.01 0.53 21.48
CA LYS B 27 5.20 0.85 20.06
C LYS B 27 4.28 0.05 19.15
N PRO B 28 3.23 0.69 18.62
CA PRO B 28 2.28 -0.01 17.73
C PRO B 28 2.92 -0.39 16.38
N ILE B 29 2.60 -1.60 15.92
CA ILE B 29 3.05 -2.09 14.62
C ILE B 29 1.93 -2.79 13.87
N VAL B 30 2.13 -2.98 12.57
CA VAL B 30 1.24 -3.75 11.75
C VAL B 30 2.11 -4.78 11.06
N TYR B 31 1.63 -6.00 10.90
CA TYR B 31 2.42 -6.99 10.20
C TYR B 31 1.50 -7.96 9.48
N GLY B 32 2.02 -8.62 8.46
CA GLY B 32 1.22 -9.59 7.71
C GLY B 32 1.75 -9.77 6.32
N ASN B 33 0.87 -9.98 5.36
CA ASN B 33 1.30 -10.18 3.98
C ASN B 33 0.24 -9.72 2.99
N VAL B 34 0.70 -9.45 1.78
CA VAL B 34 -0.16 -9.30 0.62
C VAL B 34 0.21 -10.39 -0.37
N ALA B 35 -0.71 -10.75 -1.26
CA ALA B 35 -0.50 -11.75 -2.28
C ALA B 35 -1.37 -11.49 -3.50
N ARG B 36 -0.85 -11.88 -4.66
CA ARG B 36 -1.58 -11.80 -5.92
C ARG B 36 -1.37 -13.10 -6.70
N TYR B 37 -2.46 -13.60 -7.24
CA TYR B 37 -2.50 -14.80 -8.08
C TYR B 37 -1.93 -14.49 -9.47
N PHE B 38 -1.09 -15.37 -9.99
CA PHE B 38 -0.53 -15.22 -11.35
C PHE B 38 -1.67 -15.29 -12.39
N GLY B 39 -2.71 -16.05 -12.04
CA GLY B 39 -3.78 -16.38 -12.95
C GLY B 39 -3.74 -17.84 -13.39
N LYS B 40 -2.59 -18.50 -13.16
CA LYS B 40 -2.37 -19.90 -13.48
C LYS B 40 -1.05 -20.37 -12.85
N LYS B 41 -0.89 -21.67 -12.75
CA LYS B 41 0.36 -22.24 -12.24
C LYS B 41 1.50 -21.94 -13.19
N ARG B 42 2.60 -21.44 -12.66
CA ARG B 42 3.77 -21.21 -13.48
C ARG B 42 4.40 -22.56 -13.79
N GLU B 43 4.77 -22.72 -15.04
CA GLU B 43 5.20 -23.98 -15.58
C GLU B 43 6.53 -24.47 -15.00
N GLU B 44 7.49 -23.57 -14.82
CA GLU B 44 8.84 -23.98 -14.41
C GLU B 44 8.89 -24.56 -12.98
N ASP B 45 8.29 -23.87 -12.01
CA ASP B 45 8.37 -24.32 -10.62
C ASP B 45 7.02 -24.65 -9.99
N GLY B 46 5.93 -24.49 -10.74
CA GLY B 46 4.60 -24.71 -10.19
C GLY B 46 4.10 -23.64 -9.22
N HIS B 47 4.74 -22.47 -9.21
CA HIS B 47 4.29 -21.37 -8.37
C HIS B 47 3.05 -20.68 -8.93
N THR B 48 2.17 -20.23 -8.04
CA THR B 48 0.89 -19.65 -8.46
C THR B 48 0.71 -18.21 -8.01
N HIS B 49 1.48 -17.79 -7.01
CA HIS B 49 1.32 -16.48 -6.38
C HIS B 49 2.60 -15.71 -6.15
N GLN B 50 2.51 -14.39 -6.17
CA GLN B 50 3.57 -13.56 -5.60
C GLN B 50 3.07 -12.99 -4.30
N TRP B 51 3.94 -12.96 -3.30
CA TRP B 51 3.54 -12.45 -2.00
C TRP B 51 4.64 -11.63 -1.34
N THR B 52 4.24 -10.77 -0.42
CA THR B 52 5.20 -10.02 0.38
C THR B 52 4.79 -10.08 1.83
N VAL B 53 5.70 -10.53 2.68
CA VAL B 53 5.45 -10.48 4.11
C VAL B 53 6.17 -9.24 4.68
N TYR B 54 5.58 -8.59 5.68
CA TYR B 54 6.17 -7.34 6.15
C TYR B 54 5.84 -7.08 7.60
N VAL B 55 6.63 -6.18 8.17
CA VAL B 55 6.37 -5.52 9.43
C VAL B 55 6.54 -4.01 9.23
N LYS B 56 5.60 -3.19 9.69
CA LYS B 56 5.74 -1.75 9.64
C LYS B 56 5.18 -1.11 10.91
N PRO B 57 5.64 0.10 11.23
CA PRO B 57 5.01 0.86 12.32
C PRO B 57 3.56 1.23 11.95
N TYR B 58 2.71 1.36 12.96
CA TYR B 58 1.31 1.69 12.74
C TYR B 58 1.21 3.09 12.13
N ARG B 59 1.97 4.02 12.71
CA ARG B 59 2.14 5.36 12.12
C ARG B 59 3.59 5.53 11.66
N ASN B 60 3.85 6.44 10.74
CA ASN B 60 5.21 6.62 10.22
C ASN B 60 6.22 6.97 11.31
N GLU B 61 7.30 6.20 11.38
CA GLU B 61 8.47 6.59 12.16
C GLU B 61 9.62 5.81 11.57
N ASP B 62 10.84 6.15 11.94
CA ASP B 62 11.94 5.36 11.41
C ASP B 62 12.25 4.34 12.50
N MET B 63 11.90 3.08 12.26
CA MET B 63 12.07 2.05 13.28
C MET B 63 13.51 1.65 13.45
N SER B 64 14.33 1.92 12.42
CA SER B 64 15.73 1.51 12.44
C SER B 64 16.49 2.26 13.55
N ALA B 65 15.85 3.27 14.13
CA ALA B 65 16.48 3.94 15.28
C ALA B 65 16.63 2.97 16.47
N TYR B 66 15.72 2.01 16.62
CA TYR B 66 15.81 1.10 17.76
C TYR B 66 15.72 -0.38 17.38
N VAL B 67 15.41 -0.64 16.11
CA VAL B 67 15.42 -1.99 15.55
C VAL B 67 16.74 -2.26 14.81
N LYS B 68 17.40 -3.35 15.17
CA LYS B 68 18.65 -3.78 14.53
C LYS B 68 18.35 -4.52 13.21
N LYS B 69 17.46 -5.49 13.31
CA LYS B 69 17.10 -6.30 12.15
C LYS B 69 15.83 -7.04 12.46
N ILE B 70 15.18 -7.49 11.39
CA ILE B 70 14.03 -8.36 11.48
C ILE B 70 14.29 -9.58 10.61
N GLN B 71 14.16 -10.76 11.22
CA GLN B 71 14.28 -12.02 10.52
C GLN B 71 12.91 -12.56 10.17
N PHE B 72 12.77 -13.04 8.95
CA PHE B 72 11.56 -13.75 8.54
C PHE B 72 11.94 -15.20 8.25
N LYS B 73 11.46 -16.11 9.09
CA LYS B 73 11.73 -17.54 8.91
C LYS B 73 10.67 -18.13 7.99
N LEU B 74 11.07 -18.46 6.75
CA LEU B 74 10.16 -19.04 5.76
C LEU B 74 10.08 -20.56 5.87
N HIS B 75 9.20 -21.15 5.08
CA HIS B 75 9.06 -22.60 5.05
C HIS B 75 10.34 -23.28 4.57
N GLU B 76 10.57 -24.49 5.04
CA GLU B 76 11.79 -25.23 4.69
C GLU B 76 11.94 -25.45 3.19
N SER B 77 10.85 -25.36 2.43
CA SER B 77 10.95 -25.53 0.99
C SER B 77 11.66 -24.38 0.29
N TYR B 78 11.90 -23.27 1.00
CA TYR B 78 12.63 -22.13 0.40
C TYR B 78 14.13 -22.22 0.64
N GLY B 79 14.91 -21.78 -0.33
CA GLY B 79 16.35 -21.63 -0.15
C GLY B 79 16.60 -20.49 0.82
N ASN B 80 17.59 -20.67 1.68
CA ASN B 80 17.91 -19.69 2.73
C ASN B 80 16.66 -19.22 3.45
N PRO B 81 15.94 -20.16 4.09
CA PRO B 81 14.63 -19.88 4.67
C PRO B 81 14.66 -18.84 5.77
N LEU B 82 15.82 -18.60 6.38
CA LEU B 82 15.92 -17.55 7.36
C LEU B 82 16.33 -16.25 6.65
N ARG B 83 15.36 -15.40 6.32
CA ARG B 83 15.62 -14.17 5.60
C ARG B 83 15.75 -13.02 6.58
N VAL B 84 16.74 -12.17 6.39
CA VAL B 84 16.94 -11.09 7.34
C VAL B 84 16.93 -9.71 6.66
N VAL B 85 16.19 -8.77 7.24
CA VAL B 85 16.17 -7.39 6.75
C VAL B 85 16.73 -6.45 7.82
N THR B 86 17.70 -5.62 7.45
CA THR B 86 18.41 -4.80 8.41
C THR B 86 18.02 -3.32 8.29
N LYS B 87 17.32 -2.98 7.22
CA LYS B 87 16.80 -1.62 7.08
C LYS B 87 15.44 -1.59 6.40
N PRO B 88 14.66 -0.56 6.70
CA PRO B 88 13.33 -0.44 6.09
C PRO B 88 13.40 -0.31 4.57
N PRO B 89 12.34 -0.77 3.89
CA PRO B 89 11.19 -1.37 4.53
C PRO B 89 11.43 -2.84 4.97
N TYR B 90 10.82 -3.25 6.07
CA TYR B 90 11.03 -4.60 6.58
C TYR B 90 10.07 -5.60 5.91
N GLU B 91 10.44 -6.05 4.72
CA GLU B 91 9.58 -6.88 3.91
C GLU B 91 10.40 -7.91 3.18
N ILE B 92 9.78 -9.04 2.89
CA ILE B 92 10.38 -10.08 2.05
C ILE B 92 9.38 -10.46 0.97
N THR B 93 9.80 -10.41 -0.30
CA THR B 93 8.93 -10.74 -1.43
C THR B 93 9.36 -12.06 -2.06
N GLU B 94 8.40 -12.95 -2.30
CA GLU B 94 8.69 -14.27 -2.89
C GLU B 94 7.57 -14.71 -3.81
N THR B 95 7.76 -15.84 -4.47
CA THR B 95 6.64 -16.51 -5.10
C THR B 95 6.43 -17.86 -4.40
N GLY B 96 5.24 -18.42 -4.53
CA GLY B 96 4.97 -19.70 -3.91
C GLY B 96 3.65 -20.29 -4.37
N TRP B 97 3.24 -21.38 -3.75
CA TRP B 97 2.01 -22.06 -4.15
C TRP B 97 1.21 -22.49 -2.94
N GLY B 98 1.83 -22.45 -1.76
CA GLY B 98 1.16 -22.93 -0.56
C GLY B 98 1.23 -21.97 0.62
N GLU B 99 0.29 -22.10 1.54
CA GLU B 99 0.27 -21.31 2.77
C GLU B 99 1.09 -22.01 3.86
N PHE B 100 1.77 -21.23 4.68
CA PHE B 100 2.59 -21.75 5.77
C PHE B 100 2.81 -20.69 6.81
N GLU B 101 3.23 -21.13 7.99
CA GLU B 101 3.53 -20.22 9.07
C GLU B 101 4.90 -19.60 8.89
N ILE B 102 4.95 -18.28 8.99
CA ILE B 102 6.20 -17.53 8.99
C ILE B 102 6.47 -17.05 10.40
N ILE B 103 7.71 -17.26 10.87
CA ILE B 103 8.13 -16.75 12.17
C ILE B 103 8.91 -15.47 11.95
N ILE B 104 8.44 -14.40 12.58
CA ILE B 104 9.07 -13.09 12.44
C ILE B 104 9.77 -12.74 13.74
N LYS B 105 11.06 -12.43 13.67
CA LYS B 105 11.81 -12.12 14.89
C LYS B 105 12.43 -10.74 14.79
N ILE B 106 12.06 -9.88 15.72
CA ILE B 106 12.53 -8.49 15.72
C ILE B 106 13.62 -8.25 16.75
N PHE B 107 14.80 -7.86 16.26
CA PHE B 107 15.94 -7.60 17.15
C PHE B 107 16.15 -6.11 17.38
N PHE B 108 16.56 -5.74 18.60
CA PHE B 108 16.72 -4.35 18.95
C PHE B 108 18.19 -3.91 19.02
N ILE B 109 18.41 -2.61 18.96
CA ILE B 109 19.74 -2.02 18.97
C ILE B 109 20.46 -2.32 20.28
N ASP B 110 19.74 -2.17 21.38
CA ASP B 110 20.23 -2.62 22.69
C ASP B 110 20.12 -4.14 22.78
N PRO B 111 21.25 -4.86 22.84
CA PRO B 111 21.21 -6.33 22.95
C PRO B 111 20.52 -6.79 24.24
N ASN B 112 20.36 -5.90 25.21
CA ASN B 112 19.73 -6.25 26.48
C ASN B 112 18.20 -6.29 26.40
N GLU B 113 17.66 -5.71 25.35
CA GLU B 113 16.23 -5.86 25.10
C GLU B 113 16.00 -7.15 24.32
N ARG B 114 15.22 -8.07 24.89
CA ARG B 114 14.97 -9.36 24.24
C ARG B 114 14.17 -9.19 22.95
N PRO B 115 14.50 -10.00 21.93
CA PRO B 115 13.83 -9.96 20.62
C PRO B 115 12.33 -10.23 20.74
N VAL B 116 11.57 -9.68 19.80
CA VAL B 116 10.15 -9.96 19.74
C VAL B 116 9.87 -10.98 18.62
N THR B 117 9.07 -11.99 18.95
CA THR B 117 8.69 -13.03 18.02
C THR B 117 7.22 -12.92 17.65
N LEU B 118 6.95 -12.88 16.35
CA LEU B 118 5.60 -12.87 15.84
C LEU B 118 5.39 -14.10 14.96
N TYR B 119 4.16 -14.57 14.88
CA TYR B 119 3.82 -15.70 14.02
C TYR B 119 2.76 -15.25 13.03
N HIS B 120 2.98 -15.55 11.77
CA HIS B 120 2.04 -15.12 10.77
C HIS B 120 1.74 -16.24 9.80
N LEU B 121 0.46 -16.54 9.65
CA LEU B 121 0.05 -17.49 8.64
C LEU B 121 -0.02 -16.77 7.29
N LEU B 122 0.86 -17.14 6.39
CA LEU B 122 0.90 -16.55 5.07
C LEU B 122 -0.38 -16.86 4.30
N LYS B 123 -1.12 -15.84 3.90
CA LYS B 123 -2.37 -16.03 3.16
C LYS B 123 -2.23 -15.74 1.66
N LEU B 124 -2.63 -16.73 0.87
CA LEU B 124 -2.62 -16.64 -0.60
C LEU B 124 -4.06 -16.57 -1.13
N PHE B 125 -4.97 -17.25 -0.42
CA PHE B 125 -6.38 -17.41 -0.81
C PHE B 125 -7.26 -16.45 0.00
N GLN B 126 -8.22 -15.79 -0.64
CA GLN B 126 -9.09 -14.86 0.07
C GLN B 126 -9.96 -15.62 1.08
N SER B 127 -10.24 -15.01 2.23
CA SER B 127 -11.13 -15.60 3.24
C SER B 127 -12.61 -15.37 2.96
N LYS B 136 -8.71 -8.85 -7.20
CA LYS B 136 -7.76 -7.88 -6.65
C LYS B 136 -6.62 -8.60 -5.93
N THR B 137 -6.21 -8.08 -4.78
CA THR B 137 -5.09 -8.66 -4.06
C THR B 137 -5.56 -9.11 -2.69
N VAL B 138 -4.93 -10.16 -2.16
CA VAL B 138 -5.25 -10.63 -0.83
C VAL B 138 -4.40 -9.90 0.20
N VAL B 139 -5.02 -9.45 1.29
CA VAL B 139 -4.28 -8.81 2.38
C VAL B 139 -4.62 -9.44 3.70
N SER B 140 -3.60 -9.86 4.43
CA SER B 140 -3.83 -10.42 5.76
C SER B 140 -2.87 -9.74 6.71
N GLU B 141 -3.44 -8.83 7.48
CA GLU B 141 -2.69 -7.87 8.29
C GLU B 141 -3.21 -7.76 9.71
N PHE B 142 -2.32 -7.63 10.68
CA PHE B 142 -2.74 -7.54 12.07
C PHE B 142 -2.08 -6.37 12.81
N TYR B 143 -2.77 -5.85 13.80
CA TYR B 143 -2.25 -4.79 14.64
C TYR B 143 -1.61 -5.48 15.84
N ASP B 144 -0.43 -5.03 16.26
CA ASP B 144 0.19 -5.54 17.48
C ASP B 144 1.00 -4.43 18.16
N GLU B 145 1.56 -4.75 19.33
CA GLU B 145 2.33 -3.77 20.09
C GLU B 145 3.62 -4.34 20.61
N MET B 146 4.73 -3.66 20.35
CA MET B 146 5.96 -3.97 21.04
C MET B 146 5.97 -3.22 22.37
N ILE B 147 6.05 -3.99 23.46
CA ILE B 147 5.99 -3.47 24.81
C ILE B 147 7.38 -3.49 25.43
N PHE B 148 7.87 -2.32 25.79
CA PHE B 148 9.16 -2.21 26.44
C PHE B 148 8.95 -1.81 27.90
N GLN B 149 9.00 -2.79 28.79
CA GLN B 149 8.86 -2.51 30.22
C GLN B 149 10.23 -2.26 30.82
N ASP B 150 10.34 -1.17 31.57
CA ASP B 150 11.61 -0.79 32.18
C ASP B 150 12.78 -0.88 31.21
N PRO B 151 12.69 -0.12 30.10
CA PRO B 151 13.76 -0.19 29.10
C PRO B 151 15.06 0.37 29.65
N THR B 152 16.20 -0.13 29.17
CA THR B 152 17.49 0.49 29.47
C THR B 152 17.44 1.97 29.09
N ALA B 153 18.29 2.78 29.72
CA ALA B 153 18.32 4.22 29.43
C ALA B 153 18.60 4.48 27.95
N MET B 154 19.44 3.67 27.34
CA MET B 154 19.74 3.81 25.93
C MET B 154 18.48 3.55 25.10
N MET B 155 17.81 2.43 25.39
CA MET B 155 16.61 2.05 24.67
C MET B 155 15.50 3.11 24.82
N GLN B 156 15.31 3.62 26.02
CA GLN B 156 14.32 4.66 26.22
C GLN B 156 14.57 5.89 25.36
N GLN B 157 15.83 6.23 25.13
CA GLN B 157 16.14 7.35 24.22
C GLN B 157 15.86 7.02 22.77
N LEU B 158 16.25 5.83 22.34
CA LEU B 158 16.04 5.42 20.97
C LEU B 158 14.55 5.32 20.66
N LEU B 159 13.75 4.94 21.66
CA LEU B 159 12.31 4.78 21.45
C LEU B 159 11.58 6.11 21.41
N THR B 160 12.24 7.17 21.86
CA THR B 160 11.59 8.45 22.01
C THR B 160 12.22 9.53 21.12
N THR B 161 12.80 9.08 20.01
CA THR B 161 13.38 9.99 19.02
C THR B 161 12.42 10.24 17.86
N VAL C 23 -20.74 -55.21 -26.82
CA VAL C 23 -21.02 -53.95 -27.50
C VAL C 23 -20.61 -52.73 -26.66
N THR C 24 -21.14 -52.63 -25.44
CA THR C 24 -20.70 -51.57 -24.53
C THR C 24 -20.38 -52.14 -23.15
N ILE C 25 -19.14 -51.94 -22.74
CA ILE C 25 -18.67 -52.47 -21.47
C ILE C 25 -18.39 -51.31 -20.52
N VAL C 26 -18.88 -51.44 -19.29
CA VAL C 26 -18.78 -50.40 -18.27
C VAL C 26 -17.88 -50.86 -17.13
N LYS C 27 -16.86 -50.09 -16.80
CA LYS C 27 -15.97 -50.43 -15.68
C LYS C 27 -15.98 -49.32 -14.61
N PRO C 28 -16.69 -49.49 -13.49
CA PRO C 28 -16.68 -48.38 -12.53
C PRO C 28 -15.34 -48.24 -11.81
N ILE C 29 -14.89 -47.01 -11.59
CA ILE C 29 -13.65 -46.81 -10.86
C ILE C 29 -13.89 -45.73 -9.82
N VAL C 30 -12.99 -45.67 -8.85
CA VAL C 30 -12.92 -44.60 -7.86
C VAL C 30 -11.53 -44.01 -7.95
N TYR C 31 -11.38 -42.71 -7.74
CA TYR C 31 -10.05 -42.12 -7.73
C TYR C 31 -9.98 -40.96 -6.75
N GLY C 32 -8.79 -40.63 -6.32
CA GLY C 32 -8.65 -39.50 -5.40
C GLY C 32 -7.48 -39.74 -4.48
N ASN C 33 -7.62 -39.37 -3.22
CA ASN C 33 -6.51 -39.54 -2.29
C ASN C 33 -6.92 -39.67 -0.83
N VAL C 34 -6.02 -40.25 -0.04
CA VAL C 34 -6.10 -40.20 1.42
C VAL C 34 -4.90 -39.41 1.95
N ALA C 35 -5.02 -38.91 3.15
CA ALA C 35 -3.91 -38.16 3.74
C ALA C 35 -4.05 -38.27 5.23
N ARG C 36 -2.91 -38.22 5.89
CA ARG C 36 -2.81 -38.29 7.34
C ARG C 36 -1.84 -37.19 7.82
N TYR C 37 -2.28 -36.45 8.83
CA TYR C 37 -1.48 -35.40 9.45
C TYR C 37 -0.39 -36.00 10.35
N PHE C 38 0.85 -35.51 10.24
CA PHE C 38 1.94 -35.98 11.10
C PHE C 38 1.68 -35.64 12.57
N GLY C 39 0.98 -34.53 12.81
CA GLY C 39 0.80 -34.01 14.15
C GLY C 39 1.63 -32.75 14.39
N LYS C 40 2.57 -32.49 13.49
CA LYS C 40 3.49 -31.36 13.58
C LYS C 40 4.30 -31.24 12.30
N LYS C 41 4.84 -30.07 12.01
CA LYS C 41 5.71 -29.91 10.86
C LYS C 41 7.00 -30.70 11.07
N ARG C 42 7.39 -31.53 10.09
CA ARG C 42 8.65 -32.24 10.18
C ARG C 42 9.78 -31.24 9.95
N GLU C 43 10.79 -31.32 10.80
CA GLU C 43 11.83 -30.30 10.86
C GLU C 43 12.65 -30.25 9.57
N GLU C 44 12.98 -31.42 9.05
CA GLU C 44 13.91 -31.53 7.94
C GLU C 44 13.42 -30.87 6.65
N ASP C 45 12.17 -31.10 6.27
CA ASP C 45 11.69 -30.59 5.00
C ASP C 45 10.40 -29.79 5.11
N GLY C 46 9.93 -29.64 6.34
CA GLY C 46 8.67 -28.98 6.62
C GLY C 46 7.43 -29.70 6.16
N HIS C 47 7.52 -31.01 5.88
CA HIS C 47 6.32 -31.72 5.50
C HIS C 47 5.41 -31.99 6.70
N THR C 48 4.11 -32.00 6.48
CA THR C 48 3.14 -32.13 7.56
C THR C 48 2.23 -33.34 7.44
N HIS C 49 2.14 -33.87 6.22
CA HIS C 49 1.21 -34.95 5.90
C HIS C 49 1.87 -36.04 5.09
N GLN C 50 1.36 -37.25 5.27
CA GLN C 50 1.64 -38.31 4.32
C GLN C 50 0.37 -38.48 3.48
N TRP C 51 0.51 -38.70 2.16
CA TRP C 51 -0.70 -38.88 1.34
C TRP C 51 -0.53 -39.99 0.29
N THR C 52 -1.64 -40.59 -0.13
CA THR C 52 -1.61 -41.55 -1.21
C THR C 52 -2.70 -41.22 -2.22
N VAL C 53 -2.29 -41.01 -3.47
CA VAL C 53 -3.21 -40.75 -4.56
C VAL C 53 -3.40 -42.07 -5.29
N TYR C 54 -4.59 -42.31 -5.82
CA TYR C 54 -4.90 -43.62 -6.36
C TYR C 54 -5.97 -43.62 -7.44
N VAL C 55 -5.97 -44.70 -8.21
CA VAL C 55 -7.10 -45.10 -9.04
C VAL C 55 -7.33 -46.55 -8.69
N LYS C 56 -8.59 -46.88 -8.40
CA LYS C 56 -8.97 -48.25 -8.08
C LYS C 56 -10.24 -48.59 -8.81
N PRO C 57 -10.41 -49.87 -9.14
CA PRO C 57 -11.70 -50.34 -9.63
C PRO C 57 -12.69 -50.26 -8.47
N TYR C 58 -13.96 -49.98 -8.74
CA TYR C 58 -14.91 -49.95 -7.63
C TYR C 58 -15.06 -51.34 -7.02
N ARG C 59 -15.14 -52.33 -7.89
CA ARG C 59 -15.36 -53.73 -7.51
C ARG C 59 -14.02 -54.40 -7.31
N ASN C 60 -14.00 -55.49 -6.55
CA ASN C 60 -12.74 -56.15 -6.32
C ASN C 60 -12.36 -56.94 -7.56
N GLU C 61 -11.67 -56.30 -8.48
CA GLU C 61 -11.26 -56.97 -9.71
C GLU C 61 -9.95 -56.39 -10.17
N ASP C 62 -9.36 -57.02 -11.18
CA ASP C 62 -8.06 -56.61 -11.76
C ASP C 62 -8.20 -55.86 -13.07
N MET C 63 -7.78 -54.61 -13.10
CA MET C 63 -7.79 -53.78 -14.31
C MET C 63 -6.60 -54.01 -15.26
N SER C 64 -5.53 -54.62 -14.76
CA SER C 64 -4.26 -54.66 -15.49
C SER C 64 -4.31 -55.44 -16.79
N ALA C 65 -5.37 -56.23 -16.99
CA ALA C 65 -5.54 -56.94 -18.25
C ALA C 65 -5.75 -55.97 -19.40
N TYR C 66 -6.34 -54.81 -19.10
CA TYR C 66 -6.62 -53.86 -20.16
C TYR C 66 -6.05 -52.47 -19.93
N VAL C 67 -5.51 -52.24 -18.73
CA VAL C 67 -4.83 -50.98 -18.45
C VAL C 67 -3.33 -51.19 -18.67
N LYS C 68 -2.74 -50.36 -19.51
CA LYS C 68 -1.31 -50.44 -19.79
C LYS C 68 -0.50 -49.80 -18.65
N LYS C 69 -0.91 -48.59 -18.28
CA LYS C 69 -0.25 -47.81 -17.24
C LYS C 69 -1.17 -46.67 -16.83
N ILE C 70 -0.94 -46.14 -15.63
CA ILE C 70 -1.62 -44.94 -15.18
C ILE C 70 -0.53 -43.97 -14.75
N GLN C 71 -0.54 -42.78 -15.33
CA GLN C 71 0.39 -41.71 -14.99
C GLN C 71 -0.24 -40.75 -13.99
N PHE C 72 0.53 -40.39 -12.97
CA PHE C 72 0.13 -39.36 -12.03
C PHE C 72 1.11 -38.16 -12.11
N LYS C 73 0.64 -37.05 -12.66
CA LYS C 73 1.50 -35.87 -12.77
C LYS C 73 1.38 -35.05 -11.50
N LEU C 74 2.44 -35.06 -10.71
CA LEU C 74 2.48 -34.33 -9.45
C LEU C 74 2.92 -32.90 -9.68
N HIS C 75 2.86 -32.11 -8.61
CA HIS C 75 3.31 -30.73 -8.61
C HIS C 75 4.81 -30.67 -8.92
N GLU C 76 5.24 -29.59 -9.56
CA GLU C 76 6.62 -29.40 -9.98
C GLU C 76 7.63 -29.47 -8.82
N SER C 77 7.17 -29.24 -7.60
CA SER C 77 8.08 -29.28 -6.46
C SER C 77 8.50 -30.71 -6.12
N TYR C 78 7.86 -31.71 -6.73
CA TYR C 78 8.29 -33.10 -6.53
C TYR C 78 9.32 -33.51 -7.59
N GLY C 79 10.30 -34.33 -7.22
CA GLY C 79 11.23 -34.89 -8.20
C GLY C 79 10.54 -35.89 -9.10
N ASN C 80 10.92 -35.91 -10.38
CA ASN C 80 10.28 -36.75 -11.40
C ASN C 80 8.76 -36.69 -11.26
N PRO C 81 8.20 -35.47 -11.39
CA PRO C 81 6.78 -35.26 -11.07
C PRO C 81 5.84 -36.10 -11.93
N LEU C 82 6.27 -36.57 -13.09
CA LEU C 82 5.46 -37.46 -13.90
C LEU C 82 5.70 -38.89 -13.45
N ARG C 83 4.83 -39.37 -12.57
CA ARG C 83 4.96 -40.70 -12.01
C ARG C 83 4.12 -41.69 -12.81
N VAL C 84 4.69 -42.85 -13.10
CA VAL C 84 3.98 -43.84 -13.91
C VAL C 84 3.86 -45.17 -13.14
N VAL C 85 2.66 -45.72 -13.08
CA VAL C 85 2.45 -47.01 -12.46
C VAL C 85 1.95 -47.98 -13.54
N THR C 86 2.64 -49.10 -13.70
CA THR C 86 2.35 -50.04 -14.78
C THR C 86 1.68 -51.30 -14.28
N LYS C 87 1.71 -51.51 -12.96
CA LYS C 87 0.99 -52.64 -12.38
C LYS C 87 0.34 -52.24 -11.06
N PRO C 88 -0.76 -52.92 -10.71
CA PRO C 88 -1.53 -52.66 -9.50
C PRO C 88 -0.71 -52.87 -8.23
N PRO C 89 -1.03 -52.18 -7.14
CA PRO C 89 -2.12 -51.20 -7.03
C PRO C 89 -1.69 -49.89 -7.66
N TYR C 90 -2.63 -49.16 -8.25
CA TYR C 90 -2.29 -47.92 -8.91
C TYR C 90 -2.36 -46.80 -7.89
N GLU C 91 -1.27 -46.67 -7.14
CA GLU C 91 -1.16 -45.79 -5.99
C GLU C 91 0.23 -45.16 -5.94
N ILE C 92 0.28 -43.90 -5.49
CA ILE C 92 1.55 -43.22 -5.26
C ILE C 92 1.49 -42.63 -3.87
N THR C 93 2.45 -42.97 -3.03
CA THR C 93 2.47 -42.50 -1.66
C THR C 93 3.63 -41.51 -1.49
N GLU C 94 3.34 -40.35 -0.92
CA GLU C 94 4.35 -39.30 -0.75
C GLU C 94 4.11 -38.58 0.55
N THR C 95 5.01 -37.66 0.91
CA THR C 95 4.72 -36.72 1.98
C THR C 95 4.69 -35.31 1.36
N GLY C 96 4.09 -34.36 2.05
CA GLY C 96 4.02 -33.01 1.52
C GLY C 96 3.48 -32.04 2.53
N TRP C 97 3.23 -30.80 2.13
CA TRP C 97 2.74 -29.79 3.07
C TRP C 97 1.65 -28.94 2.43
N GLY C 98 1.49 -29.05 1.11
CA GLY C 98 0.54 -28.23 0.38
C GLY C 98 -0.39 -29.02 -0.54
N GLU C 99 -1.55 -28.45 -0.82
CA GLU C 99 -2.48 -29.06 -1.77
C GLU C 99 -2.19 -28.56 -3.18
N PHE C 100 -2.39 -29.43 -4.17
CA PHE C 100 -2.14 -29.11 -5.57
C PHE C 100 -2.92 -30.03 -6.48
N GLU C 101 -3.07 -29.63 -7.74
CA GLU C 101 -3.78 -30.45 -8.73
C GLU C 101 -2.90 -31.54 -9.32
N ILE C 102 -3.45 -32.75 -9.32
CA ILE C 102 -2.81 -33.89 -9.96
C ILE C 102 -3.55 -34.24 -11.25
N ILE C 103 -2.80 -34.45 -12.32
CA ILE C 103 -3.39 -34.93 -13.56
C ILE C 103 -3.17 -36.42 -13.67
N ILE C 104 -4.27 -37.14 -13.80
CA ILE C 104 -4.23 -38.59 -13.89
C ILE C 104 -4.60 -39.02 -15.30
N LYS C 105 -3.73 -39.81 -15.91
CA LYS C 105 -3.98 -40.28 -17.25
C LYS C 105 -3.90 -41.81 -17.29
N ILE C 106 -4.98 -42.44 -17.71
CA ILE C 106 -5.12 -43.89 -17.79
C ILE C 106 -4.96 -44.39 -19.24
N PHE C 107 -3.92 -45.18 -19.48
CA PHE C 107 -3.64 -45.73 -20.81
C PHE C 107 -4.07 -47.17 -20.95
N PHE C 108 -4.61 -47.52 -22.12
CA PHE C 108 -5.11 -48.87 -22.32
C PHE C 108 -4.18 -49.68 -23.19
N ILE C 109 -4.29 -50.99 -23.07
CA ILE C 109 -3.42 -51.89 -23.82
C ILE C 109 -3.69 -51.73 -25.31
N ASP C 110 -4.96 -51.66 -25.69
CA ASP C 110 -5.30 -51.38 -27.07
C ASP C 110 -5.07 -49.91 -27.40
N PRO C 111 -4.09 -49.62 -28.26
CA PRO C 111 -3.77 -48.24 -28.63
C PRO C 111 -4.95 -47.55 -29.34
N ASN C 112 -5.95 -48.32 -29.76
CA ASN C 112 -7.14 -47.71 -30.38
C ASN C 112 -8.11 -47.13 -29.36
N GLU C 113 -7.99 -47.54 -28.10
CA GLU C 113 -8.80 -46.90 -27.08
C GLU C 113 -8.07 -45.68 -26.54
N ARG C 114 -8.66 -44.50 -26.72
CA ARG C 114 -8.01 -43.27 -26.29
C ARG C 114 -7.91 -43.21 -24.75
N PRO C 115 -6.76 -42.71 -24.24
CA PRO C 115 -6.51 -42.63 -22.79
C PRO C 115 -7.55 -41.77 -22.08
N VAL C 116 -7.80 -42.06 -20.80
CA VAL C 116 -8.72 -41.26 -20.00
C VAL C 116 -7.93 -40.30 -19.09
N THR C 117 -8.30 -39.02 -19.10
CA THR C 117 -7.61 -38.04 -18.27
C THR C 117 -8.53 -37.58 -17.16
N LEU C 118 -8.05 -37.68 -15.93
CA LEU C 118 -8.80 -37.21 -14.78
C LEU C 118 -8.04 -36.09 -14.07
N TYR C 119 -8.76 -35.23 -13.37
CA TYR C 119 -8.15 -34.14 -12.60
C TYR C 119 -8.52 -34.25 -11.13
N HIS C 120 -7.53 -34.18 -10.26
CA HIS C 120 -7.79 -34.33 -8.84
C HIS C 120 -7.01 -33.35 -8.01
N LEU C 121 -7.71 -32.61 -7.16
CA LEU C 121 -7.04 -31.76 -6.19
C LEU C 121 -6.60 -32.62 -5.01
N LEU C 122 -5.30 -32.77 -4.82
CA LEU C 122 -4.76 -33.54 -3.72
C LEU C 122 -5.22 -32.88 -2.43
N LYS C 123 -5.97 -33.61 -1.60
CA LYS C 123 -6.52 -33.02 -0.40
C LYS C 123 -5.72 -33.42 0.86
N LEU C 124 -5.27 -32.43 1.62
CA LEU C 124 -4.51 -32.66 2.84
C LEU C 124 -5.29 -32.28 4.09
N PHE C 125 -6.08 -31.21 3.98
CA PHE C 125 -6.70 -30.63 5.16
C PHE C 125 -8.12 -31.12 5.35
N GLN C 126 -8.39 -31.65 6.52
CA GLN C 126 -9.71 -32.16 6.86
C GLN C 126 -10.71 -31.01 6.90
N SER C 127 -11.96 -31.25 6.53
CA SER C 127 -12.95 -30.19 6.67
C SER C 127 -13.31 -30.08 8.13
N ASP C 128 -13.79 -28.90 8.55
CA ASP C 128 -14.18 -28.72 9.94
C ASP C 128 -15.33 -29.66 10.27
N THR C 129 -16.20 -29.87 9.30
CA THR C 129 -17.35 -30.75 9.51
C THR C 129 -16.86 -32.16 9.85
N ASN C 130 -15.92 -32.67 9.06
CA ASN C 130 -15.45 -34.03 9.31
C ASN C 130 -14.62 -34.11 10.57
N ALA C 131 -13.92 -33.03 10.91
CA ALA C 131 -13.13 -33.00 12.13
C ALA C 131 -14.03 -33.08 13.37
N MET C 132 -15.12 -32.32 13.37
CA MET C 132 -16.04 -32.35 14.49
C MET C 132 -16.67 -33.73 14.64
N LEU C 133 -16.86 -34.42 13.51
CA LEU C 133 -17.40 -35.78 13.51
C LEU C 133 -16.37 -36.78 14.00
N GLY C 134 -15.14 -36.32 14.20
CA GLY C 134 -14.08 -37.17 14.73
C GLY C 134 -13.39 -38.08 13.73
N LYS C 135 -13.58 -37.84 12.43
CA LYS C 135 -12.92 -38.68 11.43
C LYS C 135 -11.40 -38.59 11.53
N LYS C 136 -10.76 -39.75 11.46
CA LYS C 136 -9.33 -39.88 11.65
C LYS C 136 -8.50 -39.26 10.52
N THR C 137 -8.78 -39.73 9.31
CA THR C 137 -8.00 -39.39 8.13
C THR C 137 -8.81 -38.69 7.05
N VAL C 138 -8.16 -37.89 6.22
CA VAL C 138 -8.90 -37.25 5.16
C VAL C 138 -8.96 -38.17 3.94
N VAL C 139 -10.14 -38.26 3.36
CA VAL C 139 -10.32 -38.99 2.13
C VAL C 139 -11.11 -38.11 1.17
N SER C 140 -10.58 -37.96 -0.04
CA SER C 140 -11.25 -37.21 -1.08
C SER C 140 -11.35 -38.12 -2.28
N GLU C 141 -12.53 -38.68 -2.49
CA GLU C 141 -12.71 -39.75 -3.45
C GLU C 141 -13.85 -39.42 -4.37
N PHE C 142 -13.61 -39.71 -5.65
CA PHE C 142 -14.53 -39.39 -6.74
C PHE C 142 -14.80 -40.64 -7.59
N TYR C 143 -15.96 -40.67 -8.21
CA TYR C 143 -16.41 -41.78 -9.05
C TYR C 143 -16.34 -41.52 -10.54
N ASP C 144 -15.98 -42.53 -11.30
CA ASP C 144 -16.11 -42.42 -12.74
C ASP C 144 -16.46 -43.78 -13.28
N GLU C 145 -16.74 -43.80 -14.57
CA GLU C 145 -17.09 -44.99 -15.32
C GLU C 145 -16.26 -44.99 -16.58
N MET C 146 -15.48 -46.04 -16.77
CA MET C 146 -14.81 -46.19 -18.06
C MET C 146 -15.75 -46.91 -19.01
N ILE C 147 -16.14 -46.21 -20.08
CA ILE C 147 -17.11 -46.76 -21.02
C ILE C 147 -16.41 -47.16 -22.30
N PHE C 148 -16.49 -48.43 -22.63
CA PHE C 148 -15.91 -48.90 -23.87
C PHE C 148 -17.07 -49.28 -24.80
N GLN C 149 -17.40 -48.37 -25.72
CA GLN C 149 -18.47 -48.63 -26.68
C GLN C 149 -17.93 -49.25 -27.97
N ASP C 150 -18.53 -50.36 -28.37
CA ASP C 150 -18.10 -51.12 -29.55
C ASP C 150 -16.58 -51.25 -29.58
N PRO C 151 -16.02 -51.86 -28.53
CA PRO C 151 -14.58 -52.06 -28.39
C PRO C 151 -14.07 -53.03 -29.45
N THR C 152 -12.82 -52.85 -29.87
CA THR C 152 -12.16 -53.80 -30.74
C THR C 152 -12.19 -55.21 -30.15
N ALA C 153 -12.11 -56.22 -31.03
CA ALA C 153 -12.17 -57.61 -30.61
C ALA C 153 -11.09 -57.91 -29.57
N MET C 154 -9.94 -57.29 -29.74
CA MET C 154 -8.85 -57.42 -28.78
C MET C 154 -9.26 -56.85 -27.42
N MET C 155 -9.72 -55.61 -27.42
CA MET C 155 -10.12 -54.93 -26.19
C MET C 155 -11.25 -55.67 -25.49
N GLN C 156 -12.25 -56.09 -26.25
CA GLN C 156 -13.38 -56.84 -25.71
C GLN C 156 -12.92 -58.13 -25.04
N GLN C 157 -11.84 -58.70 -25.54
CA GLN C 157 -11.26 -59.90 -24.95
C GLN C 157 -10.65 -59.54 -23.59
N LEU C 158 -9.90 -58.44 -23.59
CA LEU C 158 -9.21 -57.95 -22.40
C LEU C 158 -10.18 -57.46 -21.31
N LEU C 159 -11.31 -56.88 -21.71
CA LEU C 159 -12.31 -56.41 -20.74
C LEU C 159 -13.08 -57.56 -20.08
N THR C 160 -12.93 -58.77 -20.61
CA THR C 160 -13.70 -59.93 -20.14
C THR C 160 -12.82 -61.02 -19.54
N MET D 4 -31.32 12.73 31.61
CA MET D 4 -30.63 13.22 32.80
C MET D 4 -30.33 14.72 32.68
N ALA D 5 -29.68 15.27 33.70
CA ALA D 5 -29.36 16.70 33.75
C ALA D 5 -27.95 16.97 33.22
N SER D 6 -27.77 18.14 32.58
CA SER D 6 -26.46 18.58 32.11
C SER D 6 -26.57 19.92 31.39
N MET D 7 -25.46 20.65 31.29
CA MET D 7 -25.43 21.91 30.56
C MET D 7 -25.05 21.67 29.10
N THR D 8 -24.93 22.74 28.32
CA THR D 8 -24.48 22.63 26.94
C THR D 8 -23.20 23.46 26.70
N GLY D 9 -23.27 24.77 26.91
CA GLY D 9 -22.12 25.62 26.72
C GLY D 9 -22.39 27.08 27.07
N GLY D 10 -21.47 27.69 27.82
CA GLY D 10 -21.62 29.06 28.26
C GLY D 10 -20.98 30.08 27.32
N GLN D 11 -21.81 30.94 26.75
CA GLN D 11 -21.33 31.99 25.85
C GLN D 11 -21.59 33.38 26.44
N GLN D 12 -20.61 34.27 26.33
CA GLN D 12 -20.73 35.58 26.95
C GLN D 12 -21.78 36.45 26.25
N MET D 13 -22.59 37.14 27.04
CA MET D 13 -23.60 38.01 26.49
C MET D 13 -23.14 39.46 26.45
N GLY D 14 -23.75 40.23 25.53
CA GLY D 14 -23.45 41.63 25.38
C GLY D 14 -22.16 41.86 24.60
N ARG D 15 -21.71 40.82 23.92
CA ARG D 15 -20.50 40.88 23.13
C ARG D 15 -20.75 41.59 21.78
N GLY D 16 -19.69 42.15 21.21
CA GLY D 16 -19.77 42.75 19.90
C GLY D 16 -19.90 41.71 18.80
N SER D 17 -20.42 42.15 17.65
CA SER D 17 -20.59 41.27 16.50
C SER D 17 -20.19 42.05 15.24
N GLY D 18 -19.49 43.15 15.43
CA GLY D 18 -18.91 43.90 14.34
C GLY D 18 -17.56 43.30 13.99
N ARG D 19 -16.76 44.04 13.24
CA ARG D 19 -15.46 43.55 12.78
C ARG D 19 -14.38 43.64 13.87
N VAL D 20 -13.57 42.59 13.99
CA VAL D 20 -12.45 42.55 14.94
C VAL D 20 -11.26 43.36 14.40
N LYS D 21 -11.13 44.61 14.85
CA LYS D 21 -10.28 45.60 14.17
C LYS D 21 -8.76 45.40 14.28
N GLY D 22 -8.32 44.36 14.98
CA GLY D 22 -6.89 44.10 15.05
C GLY D 22 -6.45 42.69 14.68
N VAL D 23 -7.32 41.94 14.02
CA VAL D 23 -6.98 40.57 13.63
C VAL D 23 -6.96 40.37 12.12
N THR D 24 -6.10 39.47 11.67
CA THR D 24 -6.10 39.02 10.28
C THR D 24 -5.98 37.50 10.22
N ILE D 25 -6.96 36.85 9.58
CA ILE D 25 -6.96 35.40 9.49
C ILE D 25 -6.71 34.98 8.05
N VAL D 26 -5.79 34.03 7.90
CA VAL D 26 -5.39 33.58 6.58
C VAL D 26 -5.76 32.11 6.35
N LYS D 27 -6.43 31.84 5.25
CA LYS D 27 -6.81 30.48 4.90
C LYS D 27 -6.17 30.09 3.57
N PRO D 28 -5.07 29.33 3.62
CA PRO D 28 -4.41 28.89 2.38
C PRO D 28 -5.29 27.92 1.58
N ILE D 29 -5.30 28.09 0.26
CA ILE D 29 -6.04 27.17 -0.59
C ILE D 29 -5.21 26.76 -1.79
N VAL D 30 -5.67 25.72 -2.42
CA VAL D 30 -5.11 25.27 -3.66
C VAL D 30 -6.24 25.20 -4.65
N TYR D 31 -5.97 25.58 -5.90
CA TYR D 31 -6.99 25.50 -6.94
C TYR D 31 -6.35 25.22 -8.30
N GLY D 32 -7.14 24.70 -9.23
CA GLY D 32 -6.65 24.44 -10.56
C GLY D 32 -7.47 23.36 -11.24
N ASN D 33 -6.82 22.54 -12.06
CA ASN D 33 -7.55 21.51 -12.77
C ASN D 33 -6.71 20.30 -13.09
N VAL D 34 -7.39 19.19 -13.31
CA VAL D 34 -6.75 18.01 -13.88
C VAL D 34 -7.40 17.78 -15.20
N ALA D 35 -6.71 17.10 -16.10
CA ALA D 35 -7.27 16.87 -17.42
C ALA D 35 -6.72 15.60 -18.01
N ARG D 36 -7.54 14.93 -18.80
CA ARG D 36 -7.14 13.71 -19.47
C ARG D 36 -7.68 13.66 -20.90
N TYR D 37 -6.84 13.25 -21.84
CA TYR D 37 -7.25 13.03 -23.23
C TYR D 37 -8.04 11.72 -23.33
N PHE D 38 -9.17 11.72 -24.05
CA PHE D 38 -9.91 10.47 -24.23
C PHE D 38 -9.10 9.41 -25.00
N ASP D 45 -20.36 12.52 -28.38
CA ASP D 45 -20.01 13.63 -29.27
C ASP D 45 -18.50 13.63 -29.55
N GLY D 46 -17.99 14.79 -29.95
CA GLY D 46 -16.60 14.93 -30.39
C GLY D 46 -15.59 15.58 -29.46
N HIS D 47 -15.86 15.59 -28.16
CA HIS D 47 -14.94 16.20 -27.21
C HIS D 47 -13.66 15.38 -27.11
N THR D 48 -12.55 16.07 -26.84
CA THR D 48 -11.23 15.46 -26.92
C THR D 48 -10.61 15.28 -25.53
N HIS D 49 -11.07 16.07 -24.56
CA HIS D 49 -10.53 15.99 -23.20
C HIS D 49 -11.65 15.97 -22.16
N GLN D 50 -11.42 15.23 -21.09
CA GLN D 50 -12.22 15.39 -19.87
C GLN D 50 -11.37 16.12 -18.84
N TRP D 51 -11.97 17.08 -18.15
CA TRP D 51 -11.25 17.85 -17.15
C TRP D 51 -12.07 18.12 -15.91
N THR D 52 -11.37 18.35 -14.81
CA THR D 52 -11.97 18.74 -13.55
C THR D 52 -11.25 19.96 -12.96
N VAL D 53 -12.00 21.01 -12.69
CA VAL D 53 -11.48 22.19 -12.01
C VAL D 53 -11.90 22.12 -10.54
N TYR D 54 -11.06 22.57 -9.62
CA TYR D 54 -11.33 22.35 -8.18
C TYR D 54 -10.74 23.41 -7.28
N VAL D 55 -11.27 23.49 -6.07
CA VAL D 55 -10.67 24.26 -4.99
C VAL D 55 -10.59 23.38 -3.73
N LYS D 56 -9.44 23.38 -3.06
CA LYS D 56 -9.26 22.65 -1.81
C LYS D 56 -8.47 23.48 -0.82
N PRO D 57 -8.67 23.25 0.51
CA PRO D 57 -7.79 23.87 1.49
C PRO D 57 -6.40 23.27 1.37
N TYR D 58 -5.37 24.07 1.67
CA TYR D 58 -3.98 23.59 1.56
C TYR D 58 -3.74 22.40 2.52
N ARG D 59 -4.18 22.54 3.77
CA ARG D 59 -4.24 21.43 4.72
C ARG D 59 -5.71 21.09 4.82
N ASN D 60 -6.06 19.81 4.91
CA ASN D 60 -7.47 19.43 4.92
C ASN D 60 -8.14 19.96 6.17
N GLU D 61 -9.29 20.58 5.93
CA GLU D 61 -10.18 21.09 6.97
C GLU D 61 -11.54 21.16 6.36
N ASP D 62 -12.53 21.53 7.15
CA ASP D 62 -13.86 21.63 6.59
C ASP D 62 -14.07 23.07 6.16
N MET D 63 -13.94 23.33 4.85
CA MET D 63 -14.15 24.70 4.40
C MET D 63 -15.62 25.08 4.45
N SER D 64 -16.49 24.07 4.45
CA SER D 64 -17.93 24.31 4.41
C SER D 64 -18.43 24.98 5.70
N ALA D 65 -17.58 25.00 6.73
CA ALA D 65 -17.91 25.73 7.94
C ALA D 65 -17.96 27.26 7.68
N TYR D 66 -17.18 27.72 6.72
CA TYR D 66 -17.17 29.16 6.47
C TYR D 66 -17.39 29.49 5.00
N VAL D 67 -17.35 28.50 4.12
CA VAL D 67 -17.69 28.71 2.71
C VAL D 67 -19.14 28.31 2.42
N LYS D 68 -19.90 29.23 1.84
CA LYS D 68 -21.30 28.98 1.50
C LYS D 68 -21.44 28.21 0.20
N LYS D 69 -20.72 28.67 -0.81
CA LYS D 69 -20.77 28.03 -2.12
C LYS D 69 -19.58 28.50 -2.92
N ILE D 70 -19.25 27.74 -3.95
CA ILE D 70 -18.22 28.17 -4.89
C ILE D 70 -18.81 28.09 -6.29
N GLN D 71 -18.72 29.21 -6.98
CA GLN D 71 -19.21 29.34 -8.34
C GLN D 71 -18.05 29.18 -9.34
N PHE D 72 -18.25 28.33 -10.35
CA PHE D 72 -17.29 28.19 -11.44
C PHE D 72 -17.94 28.73 -12.73
N LYS D 73 -17.43 29.84 -13.23
CA LYS D 73 -17.97 30.41 -14.45
C LYS D 73 -17.19 29.85 -15.63
N LEU D 74 -17.83 28.99 -16.42
CA LEU D 74 -17.22 28.37 -17.58
C LEU D 74 -17.36 29.23 -18.84
N HIS D 75 -16.73 28.78 -19.93
CA HIS D 75 -16.82 29.49 -21.20
C HIS D 75 -18.28 29.52 -21.67
N GLU D 76 -18.63 30.56 -22.41
CA GLU D 76 -20.01 30.76 -22.86
C GLU D 76 -20.53 29.61 -23.71
N SER D 77 -19.62 28.87 -24.34
CA SER D 77 -20.01 27.76 -25.21
C SER D 77 -20.56 26.59 -24.42
N TYR D 78 -20.46 26.66 -23.10
CA TYR D 78 -21.04 25.62 -22.25
C TYR D 78 -22.48 25.97 -21.90
N GLY D 79 -23.33 24.94 -21.83
CA GLY D 79 -24.67 25.12 -21.32
C GLY D 79 -24.61 25.36 -19.82
N ASN D 80 -25.43 26.28 -19.33
CA ASN D 80 -25.40 26.66 -17.92
C ASN D 80 -23.97 26.86 -17.42
N PRO D 81 -23.27 27.85 -17.99
CA PRO D 81 -21.86 28.12 -17.74
C PRO D 81 -21.58 28.48 -16.27
N LEU D 82 -22.61 28.85 -15.53
CA LEU D 82 -22.49 29.13 -14.10
C LEU D 82 -22.68 27.88 -13.29
N ARG D 83 -21.59 27.27 -12.83
CA ARG D 83 -21.73 26.06 -12.01
C ARG D 83 -21.53 26.38 -10.52
N VAL D 84 -22.43 25.87 -9.69
CA VAL D 84 -22.34 26.14 -8.27
C VAL D 84 -22.23 24.84 -7.49
N VAL D 85 -21.25 24.81 -6.59
CA VAL D 85 -21.01 23.71 -5.68
C VAL D 85 -21.14 24.19 -4.23
N THR D 86 -21.97 23.52 -3.44
CA THR D 86 -22.25 24.02 -2.10
C THR D 86 -21.65 23.17 -0.96
N LYS D 87 -21.13 22.00 -1.30
CA LYS D 87 -20.42 21.14 -0.35
C LYS D 87 -19.24 20.43 -1.02
N PRO D 88 -18.20 20.09 -0.26
CA PRO D 88 -17.02 19.42 -0.81
C PRO D 88 -17.38 18.01 -1.33
N PRO D 89 -16.62 17.51 -2.33
CA PRO D 89 -15.48 18.26 -2.89
C PRO D 89 -15.91 19.43 -3.80
N TYR D 90 -15.17 20.54 -3.75
CA TYR D 90 -15.50 21.72 -4.55
C TYR D 90 -14.88 21.61 -5.93
N GLU D 91 -15.56 20.88 -6.80
CA GLU D 91 -15.02 20.55 -8.11
C GLU D 91 -16.12 20.53 -9.17
N ILE D 92 -15.75 20.85 -10.40
CA ILE D 92 -16.63 20.73 -11.54
C ILE D 92 -15.92 19.93 -12.63
N THR D 93 -16.60 18.91 -13.13
CA THR D 93 -16.04 18.04 -14.16
C THR D 93 -16.76 18.23 -15.49
N GLU D 94 -15.99 18.40 -16.56
CA GLU D 94 -16.59 18.61 -17.88
C GLU D 94 -15.76 17.96 -18.97
N THR D 95 -16.31 17.97 -20.19
CA THR D 95 -15.55 17.61 -21.38
C THR D 95 -15.51 18.84 -22.28
N GLY D 96 -14.51 18.92 -23.15
CA GLY D 96 -14.36 20.06 -24.04
C GLY D 96 -13.22 19.83 -25.03
N TRP D 97 -12.79 20.89 -25.71
CA TRP D 97 -11.68 20.78 -26.66
C TRP D 97 -10.63 21.84 -26.46
N GLY D 98 -10.99 22.93 -25.80
CA GLY D 98 -10.09 24.07 -25.73
C GLY D 98 -9.79 24.59 -24.34
N GLU D 99 -8.67 25.30 -24.23
CA GLU D 99 -8.31 25.93 -22.99
C GLU D 99 -8.94 27.31 -22.91
N PHE D 100 -9.38 27.70 -21.72
CA PHE D 100 -10.01 29.01 -21.52
C PHE D 100 -9.90 29.38 -20.06
N GLU D 101 -10.13 30.65 -19.76
CA GLU D 101 -10.10 31.11 -18.39
C GLU D 101 -11.40 30.79 -17.65
N ILE D 102 -11.25 30.18 -16.47
CA ILE D 102 -12.36 29.93 -15.57
C ILE D 102 -12.29 30.93 -14.46
N ILE D 103 -13.43 31.54 -14.15
CA ILE D 103 -13.56 32.45 -13.03
C ILE D 103 -14.15 31.74 -11.84
N ILE D 104 -13.44 31.75 -10.73
CA ILE D 104 -13.91 31.05 -9.56
C ILE D 104 -14.30 32.05 -8.47
N LYS D 105 -15.52 31.96 -7.98
CA LYS D 105 -15.96 32.89 -6.95
C LYS D 105 -16.35 32.10 -5.72
N ILE D 106 -15.70 32.42 -4.61
CA ILE D 106 -15.93 31.78 -3.32
C ILE D 106 -16.80 32.68 -2.43
N PHE D 107 -17.98 32.20 -2.08
CA PHE D 107 -18.93 32.92 -1.23
C PHE D 107 -18.89 32.40 0.20
N PHE D 108 -19.05 33.28 1.16
CA PHE D 108 -18.88 32.89 2.56
C PHE D 108 -20.18 32.79 3.33
N ILE D 109 -20.15 32.09 4.46
CA ILE D 109 -21.34 31.89 5.26
C ILE D 109 -21.86 33.24 5.78
N ASP D 110 -20.96 34.08 6.26
CA ASP D 110 -21.33 35.44 6.64
C ASP D 110 -21.63 36.26 5.40
N PRO D 111 -22.90 36.64 5.24
CA PRO D 111 -23.36 37.39 4.07
C PRO D 111 -22.71 38.78 3.94
N ASN D 112 -22.06 39.27 4.99
CA ASN D 112 -21.41 40.58 4.91
C ASN D 112 -20.01 40.48 4.30
N GLU D 113 -19.48 39.27 4.23
CA GLU D 113 -18.12 39.10 3.71
C GLU D 113 -18.13 39.02 2.18
N ARG D 114 -17.39 39.90 1.52
CA ARG D 114 -17.36 39.91 0.05
C ARG D 114 -16.70 38.64 -0.52
N PRO D 115 -17.25 38.13 -1.62
CA PRO D 115 -16.72 36.94 -2.27
C PRO D 115 -15.27 37.11 -2.72
N VAL D 116 -14.57 35.98 -2.79
CA VAL D 116 -13.22 35.95 -3.31
C VAL D 116 -13.23 35.45 -4.74
N THR D 117 -12.52 36.14 -5.63
CA THR D 117 -12.47 35.76 -7.04
C THR D 117 -11.10 35.26 -7.43
N LEU D 118 -11.08 34.09 -8.07
CA LEU D 118 -9.85 33.48 -8.56
C LEU D 118 -9.94 33.32 -10.07
N TYR D 119 -8.80 33.37 -10.76
CA TYR D 119 -8.78 33.18 -12.21
C TYR D 119 -7.88 32.01 -12.56
N HIS D 120 -8.40 31.09 -13.35
CA HIS D 120 -7.63 29.91 -13.69
C HIS D 120 -7.74 29.56 -15.17
N LEU D 121 -6.59 29.53 -15.82
CA LEU D 121 -6.51 29.07 -17.19
C LEU D 121 -6.47 27.56 -17.16
N LEU D 122 -7.52 26.96 -17.71
CA LEU D 122 -7.68 25.53 -17.82
C LEU D 122 -6.57 24.95 -18.70
N LYS D 123 -5.79 24.03 -18.16
CA LYS D 123 -4.74 23.41 -18.96
C LYS D 123 -5.18 22.00 -19.38
N LEU D 124 -5.18 21.76 -20.70
CA LEU D 124 -5.60 20.48 -21.30
C LEU D 124 -4.48 19.70 -21.95
N PHE D 125 -3.51 20.43 -22.50
CA PHE D 125 -2.42 19.85 -23.31
C PHE D 125 -1.15 19.62 -22.52
N GLN D 126 -0.62 18.42 -22.62
CA GLN D 126 0.61 18.04 -21.95
C GLN D 126 1.84 18.76 -22.50
N SER D 127 2.74 19.13 -21.58
CA SER D 127 4.04 19.67 -21.97
C SER D 127 4.96 18.48 -22.29
N ASP D 128 5.95 18.69 -23.14
CA ASP D 128 6.82 17.59 -23.56
C ASP D 128 7.67 16.92 -22.49
N THR D 129 8.16 17.69 -21.51
CA THR D 129 8.96 17.13 -20.42
C THR D 129 8.15 16.07 -19.68
N ASN D 130 6.90 16.42 -19.39
CA ASN D 130 5.96 15.53 -18.71
C ASN D 130 5.54 14.41 -19.64
N ALA D 131 5.64 14.69 -20.94
CA ALA D 131 5.26 13.75 -21.99
C ALA D 131 6.09 12.48 -22.00
N MET D 132 7.42 12.62 -21.92
CA MET D 132 8.32 11.48 -21.90
C MET D 132 8.12 10.62 -20.65
N LEU D 133 7.70 11.27 -19.57
CA LEU D 133 7.48 10.61 -18.30
C LEU D 133 6.25 9.70 -18.38
N GLY D 134 5.92 9.07 -17.26
CA GLY D 134 4.74 8.22 -17.21
C GLY D 134 3.46 9.00 -16.92
N LYS D 135 3.55 10.32 -16.98
CA LYS D 135 2.36 11.14 -16.74
C LYS D 135 1.30 10.97 -17.81
N LYS D 136 0.07 10.70 -17.37
CA LYS D 136 -1.05 10.48 -18.27
C LYS D 136 -2.10 11.55 -18.02
N THR D 137 -1.93 12.28 -16.92
CA THR D 137 -2.89 13.30 -16.56
C THR D 137 -2.17 14.63 -16.54
N VAL D 138 -2.84 15.67 -17.00
CA VAL D 138 -2.30 17.01 -16.94
C VAL D 138 -2.76 17.61 -15.62
N VAL D 139 -1.85 18.30 -14.92
CA VAL D 139 -2.18 18.95 -13.66
C VAL D 139 -1.71 20.40 -13.69
N SER D 140 -2.61 21.32 -13.38
CA SER D 140 -2.22 22.73 -13.27
C SER D 140 -2.81 23.32 -12.00
N GLU D 141 -1.96 23.46 -10.99
CA GLU D 141 -2.43 23.78 -9.65
C GLU D 141 -1.69 24.98 -9.10
N PHE D 142 -2.41 25.84 -8.42
CA PHE D 142 -1.87 27.07 -7.86
C PHE D 142 -2.19 27.22 -6.38
N TYR D 143 -1.29 27.89 -5.68
CA TYR D 143 -1.46 28.19 -4.28
C TYR D 143 -1.99 29.61 -4.13
N ASP D 144 -2.90 29.82 -3.20
CA ASP D 144 -3.28 31.20 -2.89
C ASP D 144 -3.70 31.27 -1.44
N GLU D 145 -3.99 32.47 -0.96
CA GLU D 145 -4.39 32.67 0.41
C GLU D 145 -5.61 33.59 0.48
N MET D 146 -6.66 33.10 1.15
CA MET D 146 -7.83 33.95 1.43
C MET D 146 -7.52 34.74 2.69
N ILE D 147 -7.49 36.05 2.54
CA ILE D 147 -7.13 36.95 3.63
C ILE D 147 -8.38 37.60 4.20
N PHE D 148 -8.62 37.37 5.48
CA PHE D 148 -9.71 38.03 6.18
C PHE D 148 -9.10 38.97 7.18
N GLN D 149 -8.99 40.24 6.80
CA GLN D 149 -8.47 41.27 7.70
C GLN D 149 -9.67 41.92 8.37
N ASP D 150 -9.57 42.11 9.68
CA ASP D 150 -10.66 42.62 10.51
C ASP D 150 -11.94 41.86 10.20
N PRO D 151 -11.90 40.54 10.40
CA PRO D 151 -13.08 39.73 10.08
C PRO D 151 -14.22 40.05 11.03
N THR D 152 -15.45 39.92 10.54
CA THR D 152 -16.61 39.97 11.40
C THR D 152 -16.44 38.95 12.50
N ALA D 153 -17.07 39.21 13.63
CA ALA D 153 -16.97 38.31 14.79
C ALA D 153 -17.48 36.91 14.41
N MET D 154 -18.51 36.89 13.57
CA MET D 154 -19.08 35.63 13.10
C MET D 154 -18.04 34.86 12.25
N MET D 155 -17.45 35.56 11.29
CA MET D 155 -16.47 34.94 10.43
C MET D 155 -15.27 34.40 11.26
N GLN D 156 -14.83 35.17 12.25
CA GLN D 156 -13.75 34.74 13.13
C GLN D 156 -14.05 33.43 13.84
N GLN D 157 -15.30 33.22 14.23
CA GLN D 157 -15.68 31.95 14.83
C GLN D 157 -15.73 30.82 13.81
N LEU D 158 -16.33 31.10 12.65
CA LEU D 158 -16.47 30.12 11.59
C LEU D 158 -15.11 29.72 11.05
N LEU D 159 -14.19 30.68 11.03
CA LEU D 159 -12.85 30.46 10.51
C LEU D 159 -11.94 29.69 11.47
N THR D 160 -12.34 29.59 12.75
CA THR D 160 -11.48 28.98 13.77
C THR D 160 -12.12 27.75 14.39
N THR E 1 33.20 13.98 6.72
CA THR E 1 32.83 14.51 8.02
C THR E 1 31.55 15.36 7.92
N LYS E 2 31.46 16.20 6.89
CA LYS E 2 30.32 17.11 6.73
C LYS E 2 29.44 16.81 5.51
N ALA E 3 29.68 15.71 4.80
CA ALA E 3 28.96 15.42 3.55
C ALA E 3 28.42 13.98 3.49
N ALA E 4 27.15 13.85 3.11
CA ALA E 4 26.41 12.60 3.23
C ALA E 4 26.31 11.82 1.93
N ARG E 5 25.66 10.67 1.99
CA ARG E 5 25.60 9.74 0.87
C ARG E 5 24.29 9.82 0.09
OH ALY E 6 19.03 11.85 -8.04
CH ALY E 6 19.99 12.64 -7.91
CH3 ALY E 6 20.17 13.84 -8.82
NZ ALY E 6 20.94 12.44 -6.92
CE ALY E 6 20.93 11.36 -5.99
CD ALY E 6 22.17 11.35 -5.11
CG ALY E 6 22.15 10.15 -4.19
CB ALY E 6 23.27 10.33 -3.20
CA ALY E 6 23.19 9.35 -2.02
N ALY E 6 24.35 9.44 -1.18
C ALY E 6 23.12 7.94 -2.62
O ALY E 6 24.08 7.41 -3.18
N SER E 7 21.98 7.29 -2.49
CA SER E 7 21.92 5.88 -2.90
C SER E 7 20.79 5.53 -3.87
N ALA E 8 21.13 4.72 -4.87
CA ALA E 8 20.19 4.22 -5.87
C ALA E 8 19.51 2.94 -5.36
N PRO E 9 18.53 2.44 -6.13
CA PRO E 9 17.71 1.26 -5.77
C PRO E 9 18.45 -0.07 -5.71
N ALA E 10 17.74 -1.10 -5.25
CA ALA E 10 18.26 -2.46 -5.16
C ALA E 10 19.51 -2.54 -4.29
C ACT F . 6.35 -1.08 4.20
O ACT F . 6.42 -2.36 4.15
OXT ACT F . 5.68 -0.48 3.33
CH3 ACT F . 7.04 -0.32 5.28
H1 ACT F . 6.85 0.75 5.15
H2 ACT F . 8.11 -0.49 5.22
H3 ACT F . 6.67 -0.63 6.25
C ACT G . 7.10 3.42 0.84
O ACT G . 8.35 3.29 1.01
OXT ACT G . 6.49 4.24 1.56
CH3 ACT G . 6.33 2.64 -0.17
H1 ACT G . 5.29 2.94 -0.13
H2 ACT G . 6.42 1.58 0.04
H3 ACT G . 6.74 2.86 -1.16
#